data_3IS6
#
_entry.id   3IS6
#
_cell.length_a   64.390
_cell.length_b   79.193
_cell.length_c   105.086
_cell.angle_alpha   90.000
_cell.angle_beta   90.000
_cell.angle_gamma   90.000
#
_symmetry.space_group_name_H-M   'P 21 21 21'
#
loop_
_entity.id
_entity.type
_entity.pdbx_description
1 polymer 'putative permease protein, ABC transporter'
2 non-polymer 2-AMINO-2-HYDROXYMETHYL-PROPANE-1,3-DIOL
3 non-polymer 'SULFATE ION'
4 water water
#
_entity_poly.entity_id   1
_entity_poly.type   'polypeptide(L)'
_entity_poly.pdbx_seq_one_letter_code
;QRSYERDFPHHDRICIVKTHGTRQSQEGDKPEELDFSQVSGGVAPAIQEEIPGVELATRTTLYGTSK(MSE)ILEDNKTY
ETKTLLAEPAFLD(MSE)FGVELIAGVRDSALRDN(MSE)TCLISESLARK(MSE)GGDVLGKRLRPAESKSDRAITIGG
VFEDLPHNSSIQAD(MSE)LLPITW(MSE)PAESLNNWIGNDRYIAYVRLRPGVSPESLDEALLE(MSE)QKRHQD
(MSE)EVFRKAGVELHYSLTPFNRLRLEDPTLVN(MSE)LRIQQ
;
_entity_poly.pdbx_strand_id   A,B
#
loop_
_chem_comp.id
_chem_comp.type
_chem_comp.name
_chem_comp.formula
SO4 non-polymer 'SULFATE ION' 'O4 S -2'
TRS non-polymer 2-AMINO-2-HYDROXYMETHYL-PROPANE-1,3-DIOL 'C4 H12 N O3 1'
#
# COMPACT_ATOMS: atom_id res chain seq x y z
N GLU A 5 -1.20 -26.66 -23.17
CA GLU A 5 -0.61 -25.53 -22.46
C GLU A 5 0.91 -25.57 -22.27
N ARG A 6 1.52 -24.43 -22.42
CA ARG A 6 2.93 -24.30 -22.33
C ARG A 6 3.48 -24.54 -20.96
N ASP A 7 4.65 -25.13 -20.93
CA ASP A 7 5.51 -25.08 -19.78
C ASP A 7 6.14 -23.70 -19.72
N PHE A 8 6.41 -23.25 -18.51
CA PHE A 8 7.17 -22.06 -18.30
C PHE A 8 8.63 -22.31 -18.72
N PRO A 9 9.38 -21.28 -19.02
CA PRO A 9 10.78 -21.47 -19.39
C PRO A 9 11.60 -22.08 -18.28
N HIS A 10 12.42 -23.08 -18.59
CA HIS A 10 13.30 -23.64 -17.61
C HIS A 10 12.58 -24.10 -16.35
N HIS A 11 11.41 -24.67 -16.52
CA HIS A 11 10.52 -24.94 -15.40
C HIS A 11 11.05 -25.92 -14.42
N ASP A 12 11.94 -26.76 -14.91
CA ASP A 12 12.63 -27.73 -14.11
C ASP A 12 13.55 -27.06 -13.11
N ARG A 13 13.92 -25.82 -13.37
CA ARG A 13 14.81 -25.07 -12.49
C ARG A 13 14.17 -23.98 -11.64
N ILE A 14 12.85 -23.89 -11.64
CA ILE A 14 12.19 -22.89 -10.84
C ILE A 14 11.78 -23.44 -9.49
N CYS A 15 12.09 -22.66 -8.46
CA CYS A 15 11.75 -22.93 -7.09
C CYS A 15 10.96 -21.75 -6.50
N ILE A 16 10.29 -21.99 -5.41
CA ILE A 16 9.72 -20.95 -4.60
C ILE A 16 10.38 -21.00 -3.24
N VAL A 17 10.28 -19.91 -2.51
CA VAL A 17 10.89 -19.82 -1.23
C VAL A 17 9.88 -20.10 -0.17
N LYS A 18 10.17 -21.13 0.60
CA LYS A 18 9.36 -21.54 1.72
C LYS A 18 10.03 -21.18 3.03
N THR A 19 9.22 -21.13 4.08
CA THR A 19 9.68 -20.80 5.38
C THR A 19 9.23 -21.87 6.34
N HIS A 20 10.13 -22.33 7.19
CA HIS A 20 9.86 -23.34 8.19
C HIS A 20 10.38 -22.94 9.56
N GLY A 21 9.74 -23.41 10.60
CA GLY A 21 10.18 -23.07 11.94
C GLY A 21 9.19 -23.46 13.00
N THR A 22 9.26 -22.81 14.13
CA THR A 22 8.46 -23.13 15.28
C THR A 22 8.15 -21.90 16.06
N ARG A 23 7.02 -21.91 16.75
CA ARG A 23 6.53 -20.81 17.54
C ARG A 23 6.20 -21.38 18.90
N GLN A 24 5.79 -20.56 19.84
CA GLN A 24 5.25 -21.08 21.09
C GLN A 24 4.18 -20.25 21.73
N GLU A 27 2.14 -19.15 26.19
CA GLU A 27 1.00 -18.56 26.85
C GLU A 27 -0.18 -19.52 26.88
N GLY A 28 0.07 -20.72 27.35
CA GLY A 28 -0.96 -21.73 27.54
C GLY A 28 -1.10 -22.66 26.38
N ASP A 29 -0.58 -22.25 25.25
CA ASP A 29 -0.73 -23.00 24.03
C ASP A 29 0.50 -23.81 23.66
N LYS A 30 0.27 -24.96 23.07
CA LYS A 30 1.34 -25.84 22.69
C LYS A 30 2.15 -25.26 21.54
N PRO A 31 3.33 -25.81 21.31
CA PRO A 31 4.25 -25.31 20.31
C PRO A 31 3.75 -25.59 18.93
N GLU A 32 3.97 -24.69 18.01
CA GLU A 32 3.41 -24.79 16.68
C GLU A 32 4.50 -24.93 15.70
N GLU A 33 4.33 -25.82 14.75
CA GLU A 33 5.22 -25.93 13.64
C GLU A 33 4.77 -24.92 12.60
N LEU A 34 5.71 -24.19 12.03
CA LEU A 34 5.43 -23.16 11.06
C LEU A 34 5.82 -23.61 9.68
N ASP A 35 4.92 -23.42 8.74
CA ASP A 35 5.12 -23.76 7.37
C ASP A 35 4.42 -22.72 6.48
N PHE A 36 5.19 -21.89 5.79
CA PHE A 36 4.70 -20.82 4.93
C PHE A 36 5.16 -21.01 3.50
N SER A 37 4.32 -20.60 2.57
CA SER A 37 4.66 -20.64 1.18
C SER A 37 4.88 -19.26 0.59
N GLN A 38 4.78 -18.26 1.45
CA GLN A 38 4.94 -16.87 1.08
C GLN A 38 5.94 -16.20 2.02
N VAL A 39 6.50 -15.09 1.58
CA VAL A 39 7.55 -14.40 2.26
C VAL A 39 7.31 -12.90 2.32
N SER A 40 8.14 -12.24 3.12
CA SER A 40 8.21 -10.80 3.25
C SER A 40 8.80 -10.21 1.99
N GLY A 41 8.57 -8.94 1.75
CA GLY A 41 8.92 -8.31 0.51
C GLY A 41 10.37 -8.32 0.14
N GLY A 42 11.20 -8.18 1.13
CA GLY A 42 12.63 -8.03 0.99
C GLY A 42 13.39 -9.19 0.45
N VAL A 43 12.85 -10.38 0.63
CA VAL A 43 13.56 -11.60 0.35
C VAL A 43 13.97 -11.85 -1.07
N ALA A 44 13.07 -11.72 -2.03
CA ALA A 44 13.45 -12.08 -3.39
C ALA A 44 14.59 -11.27 -3.98
N PRO A 45 14.57 -9.97 -3.86
CA PRO A 45 15.65 -9.17 -4.43
C PRO A 45 16.97 -9.49 -3.78
N ALA A 46 16.98 -9.73 -2.49
CA ALA A 46 18.18 -10.07 -1.79
C ALA A 46 18.76 -11.39 -2.26
N ILE A 47 17.93 -12.34 -2.58
CA ILE A 47 18.41 -13.60 -3.06
C ILE A 47 19.13 -13.46 -4.38
N GLN A 48 18.58 -12.69 -5.30
CA GLN A 48 19.24 -12.52 -6.56
C GLN A 48 20.59 -11.87 -6.44
N GLU A 49 20.66 -10.85 -5.62
CA GLU A 49 21.90 -10.16 -5.36
C GLU A 49 22.93 -10.98 -4.62
N GLU A 50 22.51 -11.74 -3.62
CA GLU A 50 23.42 -12.37 -2.70
C GLU A 50 23.68 -13.87 -2.78
N ILE A 51 22.84 -14.64 -3.45
CA ILE A 51 22.97 -16.07 -3.36
C ILE A 51 23.54 -16.67 -4.64
N PRO A 52 24.62 -17.40 -4.49
CA PRO A 52 25.32 -17.97 -5.61
C PRO A 52 24.52 -19.02 -6.31
N GLY A 53 24.60 -19.06 -7.61
CA GLY A 53 23.87 -20.06 -8.33
C GLY A 53 22.42 -19.73 -8.62
N VAL A 54 22.01 -18.52 -8.32
CA VAL A 54 20.67 -18.08 -8.66
C VAL A 54 20.73 -17.33 -9.95
N GLU A 55 20.10 -17.84 -10.98
CA GLU A 55 19.97 -17.12 -12.22
C GLU A 55 19.09 -15.89 -12.19
N LEU A 56 17.91 -16.03 -11.65
CA LEU A 56 16.97 -14.95 -11.59
C LEU A 56 16.06 -15.17 -10.39
N ALA A 57 15.67 -14.09 -9.73
CA ALA A 57 14.63 -14.12 -8.73
C ALA A 57 13.64 -12.98 -8.91
N THR A 58 12.39 -13.23 -8.61
CA THR A 58 11.35 -12.25 -8.74
C THR A 58 10.25 -12.47 -7.71
N ARG A 59 9.44 -11.46 -7.46
CA ARG A 59 8.41 -11.48 -6.46
C ARG A 59 7.06 -11.04 -7.00
N THR A 60 6.00 -11.64 -6.51
CA THR A 60 4.65 -11.21 -6.76
C THR A 60 3.83 -11.12 -5.47
N THR A 61 2.77 -10.33 -5.49
CA THR A 61 1.75 -10.39 -4.49
C THR A 61 0.36 -10.25 -5.09
N LEU A 62 -0.56 -11.11 -4.72
CA LEU A 62 -1.88 -11.10 -5.27
C LEU A 62 -2.74 -10.10 -4.58
N TYR A 63 -3.30 -9.16 -5.30
CA TYR A 63 -4.33 -8.34 -4.76
C TYR A 63 -5.66 -9.04 -4.59
N GLY A 64 -6.08 -9.75 -5.60
CA GLY A 64 -7.35 -10.41 -5.57
C GLY A 64 -8.30 -9.84 -6.57
N THR A 65 -9.56 -10.13 -6.39
CA THR A 65 -10.56 -9.77 -7.35
C THR A 65 -11.31 -8.53 -6.94
N SER A 66 -11.41 -7.58 -7.84
CA SER A 66 -12.12 -6.34 -7.60
C SER A 66 -12.75 -5.82 -8.88
N LYS A 67 -13.55 -4.80 -8.79
CA LYS A 67 -14.27 -4.30 -9.93
C LYS A 67 -13.63 -3.05 -10.50
N MSE A 68 -13.44 -3.03 -11.80
CA MSE A 68 -12.86 -1.93 -12.55
C MSE A 68 -13.85 -1.40 -13.57
O MSE A 68 -14.51 -2.15 -14.19
CB MSE A 68 -11.61 -2.37 -13.28
CG MSE A 68 -10.50 -2.91 -12.46
SE MSE A 68 -9.68 -1.72 -11.26
CE MSE A 68 -8.62 -0.77 -12.39
N ILE A 69 -13.94 -0.10 -13.75
CA ILE A 69 -14.73 0.50 -14.74
CA ILE A 69 -14.74 0.48 -14.73
C ILE A 69 -13.86 0.98 -15.92
N LEU A 70 -14.24 0.64 -17.13
CA LEU A 70 -13.46 1.00 -18.30
C LEU A 70 -14.04 2.23 -18.95
N GLU A 71 -13.27 3.28 -19.07
CA GLU A 71 -13.70 4.47 -19.79
C GLU A 71 -15.04 4.99 -19.29
N ASP A 72 -15.24 4.92 -17.98
CA ASP A 72 -16.38 5.49 -17.34
C ASP A 72 -17.68 4.84 -17.71
N ASN A 73 -17.67 3.65 -18.27
CA ASN A 73 -18.91 3.00 -18.62
C ASN A 73 -19.12 1.62 -18.02
N LYS A 74 -18.58 0.61 -18.66
CA LYS A 74 -18.78 -0.76 -18.27
C LYS A 74 -17.84 -1.24 -17.17
N THR A 75 -18.36 -2.11 -16.33
CA THR A 75 -17.69 -2.63 -15.17
C THR A 75 -17.27 -4.07 -15.38
N TYR A 76 -16.06 -4.39 -14.98
CA TYR A 76 -15.48 -5.70 -15.13
C TYR A 76 -14.85 -6.19 -13.84
N GLU A 77 -15.12 -7.43 -13.50
CA GLU A 77 -14.47 -8.06 -12.39
C GLU A 77 -13.10 -8.52 -12.87
N THR A 78 -12.07 -8.12 -12.17
CA THR A 78 -10.74 -8.44 -12.59
C THR A 78 -9.89 -8.97 -11.45
N LYS A 79 -9.09 -9.98 -11.72
CA LYS A 79 -8.17 -10.50 -10.74
C LYS A 79 -6.80 -9.92 -10.96
N THR A 80 -6.32 -9.21 -9.97
CA THR A 80 -5.16 -8.38 -10.09
C THR A 80 -3.95 -8.89 -9.32
N LEU A 81 -2.84 -9.00 -10.00
CA LEU A 81 -1.62 -9.44 -9.45
C LEU A 81 -0.53 -8.38 -9.61
N LEU A 82 0.24 -8.16 -8.58
CA LEU A 82 1.30 -7.21 -8.62
C LEU A 82 2.63 -7.91 -8.89
N ALA A 83 3.34 -7.46 -9.91
CA ALA A 83 4.53 -8.12 -10.41
C ALA A 83 5.64 -7.19 -10.90
N GLU A 84 6.82 -7.76 -11.04
CA GLU A 84 7.99 -7.07 -11.54
C GLU A 84 8.12 -7.31 -13.04
N PRO A 85 8.92 -6.51 -13.73
CA PRO A 85 9.13 -6.74 -15.14
C PRO A 85 9.72 -8.12 -15.38
N ALA A 86 10.45 -8.64 -14.42
CA ALA A 86 11.04 -9.94 -14.55
C ALA A 86 10.02 -11.07 -14.60
N PHE A 87 8.81 -10.81 -14.19
CA PHE A 87 7.76 -11.79 -14.21
C PHE A 87 7.60 -12.25 -15.64
N LEU A 88 7.69 -11.33 -16.56
CA LEU A 88 7.53 -11.65 -17.94
C LEU A 88 8.61 -12.61 -18.42
N ASP A 89 9.83 -12.40 -18.00
CA ASP A 89 10.90 -13.30 -18.29
C ASP A 89 10.83 -14.67 -17.60
N MSE A 90 10.56 -14.66 -16.32
CA MSE A 90 10.47 -15.84 -15.52
C MSE A 90 9.36 -16.77 -16.03
O MSE A 90 9.51 -17.93 -15.97
CB MSE A 90 10.17 -15.46 -14.09
CG MSE A 90 10.02 -16.60 -13.13
SE MSE A 90 11.66 -17.52 -12.67
CE MSE A 90 12.44 -16.33 -11.47
N PHE A 91 8.27 -16.24 -16.52
CA PHE A 91 7.18 -17.05 -16.96
C PHE A 91 6.92 -17.08 -18.48
N GLY A 92 7.85 -16.55 -19.24
CA GLY A 92 7.72 -16.53 -20.66
C GLY A 92 6.43 -15.92 -21.15
N VAL A 93 6.07 -14.77 -20.62
CA VAL A 93 4.87 -14.07 -21.01
C VAL A 93 5.16 -13.17 -22.19
N GLU A 94 4.39 -13.31 -23.25
CA GLU A 94 4.54 -12.53 -24.45
C GLU A 94 3.40 -11.55 -24.56
N LEU A 95 3.69 -10.36 -25.03
CA LEU A 95 2.64 -9.39 -25.27
C LEU A 95 2.06 -9.52 -26.65
N ILE A 96 0.75 -9.61 -26.72
CA ILE A 96 0.03 -9.46 -27.95
C ILE A 96 0.02 -8.04 -28.48
N ALA A 97 -0.08 -7.08 -27.59
CA ALA A 97 -0.07 -5.67 -27.92
C ALA A 97 0.73 -4.88 -26.91
N GLY A 98 1.29 -3.77 -27.35
CA GLY A 98 2.06 -2.90 -26.51
C GLY A 98 3.52 -3.22 -26.45
N VAL A 99 4.29 -2.38 -25.78
CA VAL A 99 5.73 -2.44 -25.80
C VAL A 99 6.33 -3.19 -24.62
N ARG A 100 7.04 -4.28 -24.90
CA ARG A 100 7.55 -5.15 -23.87
C ARG A 100 8.50 -4.50 -22.90
N ASP A 101 9.40 -3.68 -23.39
CA ASP A 101 10.33 -2.96 -22.53
C ASP A 101 9.72 -2.01 -21.50
N SER A 102 8.56 -1.41 -21.78
CA SER A 102 7.95 -0.63 -21.11
CA SER A 102 7.97 -0.63 -21.10
C SER A 102 7.25 -1.36 -19.91
N ALA A 103 6.90 -2.61 -20.08
CA ALA A 103 5.92 -3.25 -19.26
C ALA A 103 6.28 -3.25 -17.81
N LEU A 104 5.31 -2.87 -17.01
CA LEU A 104 5.38 -2.96 -15.57
C LEU A 104 6.40 -2.06 -14.96
N ARG A 105 6.81 -1.03 -15.68
CA ARG A 105 7.69 -0.03 -15.11
C ARG A 105 7.04 1.26 -14.61
N ASP A 106 5.91 1.64 -15.15
CA ASP A 106 5.27 2.88 -14.78
C ASP A 106 4.06 2.57 -13.93
N ASN A 107 3.99 3.17 -12.76
CA ASN A 107 2.97 2.88 -11.79
C ASN A 107 1.57 3.20 -12.29
N MSE A 108 1.43 4.03 -13.28
CA MSE A 108 0.12 4.41 -13.75
C MSE A 108 -0.39 3.58 -14.93
O MSE A 108 -1.29 3.96 -15.61
CB MSE A 108 0.01 5.91 -14.05
CG MSE A 108 0.31 6.81 -12.88
SE MSE A 108 -0.91 6.68 -11.48
CE MSE A 108 -2.37 7.51 -12.29
N THR A 109 0.25 2.45 -15.17
CA THR A 109 -0.09 1.62 -16.29
C THR A 109 -0.21 0.16 -15.89
N CYS A 110 -1.00 -0.58 -16.64
CA CYS A 110 -1.24 -1.99 -16.41
C CYS A 110 -1.18 -2.84 -17.65
N LEU A 111 -1.07 -4.14 -17.46
CA LEU A 111 -1.21 -5.10 -18.51
C LEU A 111 -2.47 -5.86 -18.24
N ILE A 112 -3.15 -6.22 -19.30
CA ILE A 112 -4.41 -6.93 -19.28
C ILE A 112 -4.30 -8.18 -20.10
N SER A 113 -4.92 -9.24 -19.66
CA SER A 113 -4.84 -10.51 -20.35
C SER A 113 -5.62 -10.47 -21.66
N GLU A 114 -5.31 -11.37 -22.56
CA GLU A 114 -6.00 -11.46 -23.82
C GLU A 114 -7.50 -11.73 -23.62
N SER A 115 -7.87 -12.61 -22.71
CA SER A 115 -9.28 -12.84 -22.47
C SER A 115 -10.02 -11.65 -21.93
N LEU A 116 -9.40 -10.94 -21.01
CA LEU A 116 -10.01 -9.77 -20.42
C LEU A 116 -10.20 -8.69 -21.46
N ALA A 117 -9.21 -8.52 -22.30
CA ALA A 117 -9.31 -7.53 -23.35
C ALA A 117 -10.47 -7.84 -24.27
N ARG A 118 -10.64 -9.10 -24.59
CA ARG A 118 -11.72 -9.56 -25.42
C ARG A 118 -13.06 -9.33 -24.76
N LYS A 119 -13.16 -9.59 -23.47
CA LYS A 119 -14.40 -9.34 -22.76
C LYS A 119 -14.73 -7.86 -22.75
N MSE A 120 -13.70 -7.05 -22.79
CA MSE A 120 -13.84 -5.61 -22.77
C MSE A 120 -14.21 -5.06 -24.12
O MSE A 120 -14.47 -3.92 -24.23
CB MSE A 120 -12.58 -4.93 -22.27
CG MSE A 120 -12.38 -5.03 -20.81
SE MSE A 120 -10.76 -4.32 -20.13
CE MSE A 120 -11.34 -4.33 -18.37
N GLY A 121 -14.25 -5.91 -25.12
CA GLY A 121 -14.52 -5.50 -26.47
C GLY A 121 -13.38 -5.28 -27.42
N GLY A 122 -12.16 -5.52 -26.99
CA GLY A 122 -11.01 -5.51 -27.85
C GLY A 122 -10.51 -4.12 -28.06
N ASP A 123 -9.37 -4.00 -28.68
CA ASP A 123 -8.79 -2.70 -28.94
C ASP A 123 -8.65 -1.83 -27.71
N VAL A 124 -8.14 -2.41 -26.64
CA VAL A 124 -8.10 -1.76 -25.37
C VAL A 124 -6.84 -0.97 -25.14
N LEU A 125 -5.87 -1.10 -26.00
CA LEU A 125 -4.61 -0.47 -25.74
C LEU A 125 -4.79 1.02 -25.62
N GLY A 126 -4.27 1.59 -24.57
CA GLY A 126 -4.37 2.99 -24.33
C GLY A 126 -5.63 3.44 -23.61
N LYS A 127 -6.57 2.56 -23.44
CA LYS A 127 -7.78 2.88 -22.70
C LYS A 127 -7.54 3.00 -21.19
N ARG A 128 -8.47 3.62 -20.50
CA ARG A 128 -8.30 3.93 -19.11
C ARG A 128 -9.28 3.19 -18.18
N LEU A 129 -8.74 2.69 -17.09
CA LEU A 129 -9.43 1.90 -16.09
C LEU A 129 -9.37 2.58 -14.73
N ARG A 130 -10.42 2.48 -13.95
CA ARG A 130 -10.34 2.85 -12.55
C ARG A 130 -11.23 2.00 -11.65
N PRO A 131 -10.94 1.97 -10.38
CA PRO A 131 -11.69 1.13 -9.49
C PRO A 131 -13.11 1.59 -9.51
N ALA A 132 -14.03 0.68 -9.39
CA ALA A 132 -15.40 0.99 -9.60
C ALA A 132 -15.89 2.05 -8.63
N GLU A 133 -15.40 2.09 -7.43
CA GLU A 133 -15.97 3.00 -6.46
C GLU A 133 -15.25 4.32 -6.32
N SER A 134 -14.21 4.51 -7.10
CA SER A 134 -13.44 5.72 -7.10
C SER A 134 -14.22 6.96 -7.54
N LYS A 135 -14.02 8.06 -6.85
CA LYS A 135 -14.67 9.30 -7.16
C LYS A 135 -13.73 10.27 -7.81
N SER A 136 -12.63 9.76 -8.34
CA SER A 136 -11.58 10.59 -8.88
C SER A 136 -11.42 10.39 -10.38
N ASP A 137 -10.88 11.36 -11.09
CA ASP A 137 -10.62 11.11 -12.49
C ASP A 137 -9.26 10.52 -12.77
N ARG A 138 -8.51 10.24 -11.73
CA ARG A 138 -7.27 9.51 -11.90
C ARG A 138 -7.57 8.11 -12.41
N ALA A 139 -6.78 7.66 -13.34
CA ALA A 139 -7.01 6.37 -13.97
C ALA A 139 -5.74 5.63 -14.32
N ILE A 140 -5.86 4.34 -14.52
CA ILE A 140 -4.79 3.51 -14.95
C ILE A 140 -4.92 3.31 -16.44
N THR A 141 -3.82 3.43 -17.16
CA THR A 141 -3.78 3.28 -18.59
C THR A 141 -3.37 1.88 -18.98
N ILE A 142 -4.01 1.29 -19.95
CA ILE A 142 -3.63 -0.03 -20.38
C ILE A 142 -2.43 0.03 -21.34
N GLY A 143 -1.28 -0.38 -20.87
CA GLY A 143 -0.09 -0.35 -21.66
C GLY A 143 0.29 -1.57 -22.46
N GLY A 144 -0.39 -2.67 -22.22
CA GLY A 144 -0.12 -3.89 -22.94
C GLY A 144 -1.20 -4.92 -22.77
N VAL A 145 -1.20 -5.90 -23.64
CA VAL A 145 -2.05 -7.06 -23.52
C VAL A 145 -1.20 -8.31 -23.59
N PHE A 146 -1.33 -9.16 -22.61
CA PHE A 146 -0.53 -10.36 -22.52
C PHE A 146 -1.30 -11.62 -22.82
N GLU A 147 -0.61 -12.57 -23.39
CA GLU A 147 -1.15 -13.85 -23.71
C GLU A 147 -1.60 -14.51 -22.41
N ASP A 148 -2.77 -15.14 -22.41
CA ASP A 148 -3.31 -15.65 -21.19
C ASP A 148 -2.31 -16.59 -20.56
N LEU A 149 -2.19 -16.52 -19.26
CA LEU A 149 -1.34 -17.39 -18.54
C LEU A 149 -1.92 -18.81 -18.60
N PRO A 150 -1.09 -19.81 -18.45
CA PRO A 150 -1.56 -21.18 -18.56
C PRO A 150 -2.66 -21.48 -17.54
N HIS A 151 -3.65 -22.25 -17.95
CA HIS A 151 -4.75 -22.70 -17.11
C HIS A 151 -4.34 -23.78 -16.12
N ASN A 152 -5.19 -24.04 -15.15
CA ASN A 152 -4.93 -25.05 -14.16
C ASN A 152 -3.59 -24.83 -13.49
N SER A 153 -3.31 -23.58 -13.23
CA SER A 153 -2.06 -23.17 -12.65
C SER A 153 -2.26 -22.22 -11.48
N SER A 154 -1.38 -22.27 -10.52
CA SER A 154 -1.41 -21.41 -9.35
C SER A 154 -1.22 -19.93 -9.69
N ILE A 155 -0.62 -19.63 -10.82
CA ILE A 155 -0.36 -18.27 -11.18
C ILE A 155 -1.50 -17.79 -12.04
N GLN A 156 -2.35 -16.95 -11.45
CA GLN A 156 -3.54 -16.46 -12.08
C GLN A 156 -3.67 -14.94 -12.00
N ALA A 157 -3.87 -14.30 -13.13
CA ALA A 157 -4.09 -12.86 -13.21
C ALA A 157 -4.82 -12.44 -14.49
N ASP A 158 -5.89 -11.72 -14.36
CA ASP A 158 -6.47 -10.88 -15.40
C ASP A 158 -5.72 -9.58 -15.70
N MSE A 159 -5.19 -8.95 -14.67
CA MSE A 159 -4.50 -7.69 -14.77
C MSE A 159 -3.20 -7.72 -13.98
O MSE A 159 -3.18 -8.22 -12.91
CB MSE A 159 -5.40 -6.55 -14.27
CG MSE A 159 -4.77 -5.18 -14.10
SE MSE A 159 -6.08 -3.70 -13.87
CE MSE A 159 -6.42 -3.96 -12.07
N LEU A 160 -2.17 -7.14 -14.52
CA LEU A 160 -0.91 -7.04 -13.86
C LEU A 160 -0.54 -5.59 -13.59
N LEU A 161 -0.11 -5.29 -12.39
CA LEU A 161 0.30 -3.97 -11.99
C LEU A 161 1.69 -4.05 -11.41
N PRO A 162 2.45 -2.98 -11.45
CA PRO A 162 3.78 -3.04 -10.90
C PRO A 162 3.80 -3.23 -9.40
N ILE A 163 4.76 -4.01 -8.94
CA ILE A 163 4.92 -4.32 -7.56
C ILE A 163 5.23 -3.09 -6.73
N THR A 164 5.71 -2.06 -7.41
CA THR A 164 6.08 -0.80 -6.82
C THR A 164 4.86 -0.02 -6.33
N TRP A 165 3.68 -0.51 -6.60
CA TRP A 165 2.50 0.04 -6.00
C TRP A 165 2.57 -0.14 -4.52
N MSE A 166 3.25 -1.16 -4.07
CA MSE A 166 3.36 -1.43 -2.66
C MSE A 166 4.30 -0.43 -1.99
O MSE A 166 5.25 -0.01 -2.57
CB MSE A 166 3.84 -2.87 -2.41
CG MSE A 166 2.92 -3.96 -2.85
SE MSE A 166 1.38 -4.20 -1.78
CE MSE A 166 2.16 -4.75 -0.26
N PRO A 167 4.05 -0.13 -0.75
CA PRO A 167 4.87 0.82 -0.02
C PRO A 167 6.28 0.31 0.12
N ALA A 168 7.24 1.23 0.15
CA ALA A 168 8.63 0.88 0.21
C ALA A 168 8.91 0.11 1.45
N GLU A 169 8.19 0.39 2.51
CA GLU A 169 8.39 -0.35 3.72
C GLU A 169 8.05 -1.83 3.52
N SER A 170 6.99 -2.14 2.79
CA SER A 170 6.64 -3.52 2.52
C SER A 170 7.66 -4.23 1.65
N LEU A 171 8.10 -3.55 0.61
CA LEU A 171 9.02 -4.09 -0.34
C LEU A 171 10.36 -4.42 0.30
N ASN A 172 10.70 -3.70 1.35
CA ASN A 172 11.97 -3.88 2.00
C ASN A 172 11.91 -4.65 3.29
N ASN A 173 10.73 -5.07 3.67
CA ASN A 173 10.50 -5.75 4.91
C ASN A 173 11.02 -7.19 4.98
N TRP A 174 11.49 -7.57 6.16
CA TRP A 174 11.90 -8.92 6.45
C TRP A 174 11.12 -9.56 7.60
N ILE A 175 10.28 -8.80 8.26
CA ILE A 175 9.55 -9.33 9.38
C ILE A 175 8.05 -9.29 9.18
N GLY A 176 7.46 -10.45 8.99
CA GLY A 176 6.04 -10.54 8.86
C GLY A 176 5.51 -10.04 7.54
N ASN A 177 4.20 -9.83 7.49
CA ASN A 177 3.57 -9.38 6.27
C ASN A 177 4.01 -10.29 5.15
N ASP A 178 3.87 -11.60 5.33
CA ASP A 178 4.38 -12.59 4.42
C ASP A 178 3.41 -12.75 3.28
N ARG A 179 3.24 -11.73 2.48
CA ARG A 179 2.26 -11.72 1.42
C ARG A 179 2.81 -11.90 0.00
N TYR A 180 4.11 -12.10 -0.14
CA TYR A 180 4.76 -12.21 -1.43
C TYR A 180 5.19 -13.65 -1.76
N ILE A 181 5.11 -14.02 -3.02
CA ILE A 181 5.64 -15.27 -3.44
C ILE A 181 6.95 -14.97 -4.15
N ALA A 182 7.98 -15.66 -3.77
CA ALA A 182 9.27 -15.43 -4.34
C ALA A 182 9.68 -16.61 -5.17
N TYR A 183 9.89 -16.37 -6.44
CA TYR A 183 10.27 -17.36 -7.40
C TYR A 183 11.74 -17.20 -7.72
N VAL A 184 12.44 -18.31 -7.71
CA VAL A 184 13.85 -18.32 -7.95
C VAL A 184 14.23 -19.32 -9.02
N ARG A 185 14.93 -18.90 -10.05
CA ARG A 185 15.45 -19.83 -11.02
C ARG A 185 16.94 -20.07 -10.82
N LEU A 186 17.29 -21.30 -10.54
CA LEU A 186 18.66 -21.72 -10.38
C LEU A 186 19.39 -22.04 -11.68
N ARG A 187 20.70 -21.89 -11.68
CA ARG A 187 21.52 -22.35 -12.76
C ARG A 187 21.57 -23.86 -12.79
N PRO A 188 21.88 -24.41 -13.94
CA PRO A 188 21.88 -25.85 -14.10
C PRO A 188 22.82 -26.50 -13.12
N GLY A 189 22.38 -27.59 -12.53
CA GLY A 189 23.20 -28.31 -11.60
C GLY A 189 23.22 -27.87 -10.16
N VAL A 190 22.54 -26.79 -9.84
CA VAL A 190 22.47 -26.36 -8.46
C VAL A 190 21.28 -26.92 -7.74
N SER A 191 21.52 -27.65 -6.67
CA SER A 191 20.42 -28.19 -5.92
C SER A 191 19.94 -27.16 -4.95
N PRO A 192 18.64 -27.11 -4.75
CA PRO A 192 18.06 -26.13 -3.86
C PRO A 192 18.55 -26.31 -2.46
N GLU A 193 18.71 -27.55 -2.05
CA GLU A 193 19.14 -27.84 -0.69
C GLU A 193 20.53 -27.39 -0.35
N SER A 194 21.34 -27.25 -1.34
CA SER A 194 22.68 -26.82 -1.13
C SER A 194 22.72 -25.38 -0.65
N LEU A 195 21.67 -24.64 -0.90
CA LEU A 195 21.63 -23.22 -0.63
C LEU A 195 21.09 -22.88 0.73
N ASP A 196 20.82 -23.87 1.56
CA ASP A 196 20.27 -23.55 2.84
C ASP A 196 21.19 -22.68 3.67
N GLU A 197 22.48 -22.99 3.70
CA GLU A 197 23.41 -22.26 4.54
C GLU A 197 23.55 -20.80 4.11
N ALA A 198 23.64 -20.57 2.81
CA ALA A 198 23.70 -19.22 2.30
C ALA A 198 22.43 -18.46 2.62
N LEU A 199 21.30 -19.12 2.56
CA LEU A 199 20.07 -18.44 2.85
C LEU A 199 20.10 -17.97 4.28
N LEU A 200 20.61 -18.78 5.16
CA LEU A 200 20.73 -18.41 6.55
C LEU A 200 21.64 -17.22 6.75
N GLU A 201 22.73 -17.19 6.02
CA GLU A 201 23.66 -16.11 6.13
C GLU A 201 22.97 -14.83 5.71
N MSE A 202 22.28 -14.90 4.59
CA MSE A 202 21.52 -13.78 4.13
C MSE A 202 20.47 -13.35 5.14
O MSE A 202 20.32 -12.18 5.39
CB MSE A 202 20.85 -14.18 2.82
CG MSE A 202 19.96 -13.16 2.19
SE MSE A 202 18.82 -13.86 0.85
CE MSE A 202 17.61 -14.75 1.95
N GLN A 203 19.77 -14.28 5.75
CA GLN A 203 18.72 -13.94 6.70
C GLN A 203 19.26 -13.19 7.88
N LYS A 204 20.39 -13.62 8.38
CA LYS A 204 21.06 -12.99 9.50
C LYS A 204 21.51 -11.56 9.21
N ARG A 205 21.95 -11.32 8.00
CA ARG A 205 22.33 -10.00 7.56
C ARG A 205 21.20 -9.02 7.56
N HIS A 206 20.01 -9.45 7.19
CA HIS A 206 18.94 -8.52 6.97
C HIS A 206 17.85 -8.45 7.98
N GLN A 207 17.73 -9.45 8.82
CA GLN A 207 16.57 -9.60 9.65
C GLN A 207 16.90 -9.41 11.11
N ASP A 208 16.16 -8.56 11.78
CA ASP A 208 16.43 -8.40 13.19
C ASP A 208 15.86 -9.62 13.85
N MSE A 209 16.67 -10.37 14.56
CA MSE A 209 16.21 -11.60 15.15
C MSE A 209 15.58 -11.43 16.50
O MSE A 209 14.98 -12.33 17.06
CB MSE A 209 17.32 -12.66 15.17
CG MSE A 209 18.20 -12.68 13.94
SE MSE A 209 17.76 -13.75 12.34
CE MSE A 209 19.00 -15.19 12.49
N GLU A 210 15.70 -10.23 17.05
CA GLU A 210 15.23 -9.98 18.38
C GLU A 210 13.77 -10.12 18.42
N VAL A 211 13.13 -9.63 17.40
CA VAL A 211 11.69 -9.53 17.39
C VAL A 211 11.06 -10.91 17.51
N PHE A 212 11.66 -11.86 16.82
CA PHE A 212 11.24 -13.24 16.86
C PHE A 212 11.42 -13.90 18.21
N ARG A 213 12.59 -13.73 18.81
CA ARG A 213 12.87 -14.38 20.08
C ARG A 213 11.85 -13.87 21.06
N LYS A 214 11.48 -12.63 20.92
CA LYS A 214 10.53 -12.10 21.85
C LYS A 214 9.26 -12.88 21.76
N ALA A 215 8.90 -13.33 20.57
CA ALA A 215 7.66 -14.08 20.41
C ALA A 215 7.89 -15.56 20.46
N GLY A 216 9.09 -15.96 20.80
CA GLY A 216 9.49 -17.35 20.77
C GLY A 216 9.45 -18.00 19.41
N VAL A 217 9.87 -17.29 18.39
CA VAL A 217 9.82 -17.79 17.04
C VAL A 217 11.21 -17.99 16.46
N GLU A 218 11.43 -19.14 15.87
CA GLU A 218 12.58 -19.41 15.03
C GLU A 218 12.09 -19.83 13.65
N LEU A 219 12.68 -19.25 12.62
CA LEU A 219 12.37 -19.70 11.29
C LEU A 219 13.51 -19.55 10.33
N HIS A 220 13.42 -20.27 9.23
CA HIS A 220 14.40 -20.19 8.20
C HIS A 220 13.78 -20.45 6.84
N TYR A 221 14.46 -20.04 5.80
CA TYR A 221 14.04 -20.12 4.42
C TYR A 221 14.67 -21.29 3.72
N SER A 222 13.94 -21.92 2.83
CA SER A 222 14.53 -22.86 1.94
C SER A 222 13.83 -22.93 0.62
N LEU A 223 14.58 -23.19 -0.43
CA LEU A 223 14.04 -23.34 -1.74
C LEU A 223 13.43 -24.70 -1.97
N THR A 224 12.27 -24.72 -2.58
CA THR A 224 11.58 -25.93 -2.95
C THR A 224 11.13 -25.84 -4.41
N PRO A 225 11.20 -26.92 -5.16
CA PRO A 225 10.87 -26.88 -6.57
C PRO A 225 9.44 -26.46 -6.78
N PHE A 226 9.18 -25.69 -7.82
CA PHE A 226 7.87 -25.13 -8.00
C PHE A 226 7.02 -26.03 -8.84
N ASN A 227 5.92 -26.50 -8.28
CA ASN A 227 4.90 -27.22 -9.02
C ASN A 227 3.65 -26.35 -9.14
N ARG A 228 3.38 -25.91 -10.35
CA ARG A 228 2.34 -24.96 -10.64
C ARG A 228 0.92 -25.49 -10.53
N LEU A 229 0.74 -26.79 -10.51
CA LEU A 229 -0.57 -27.32 -10.75
C LEU A 229 -1.55 -26.90 -9.71
N ARG A 230 -2.62 -26.30 -10.15
CA ARG A 230 -3.78 -26.02 -9.34
C ARG A 230 -5.01 -26.13 -10.23
N LEU A 231 -5.67 -27.25 -10.18
CA LEU A 231 -6.79 -27.53 -11.04
C LEU A 231 -8.00 -26.69 -10.75
N GLU A 232 -8.68 -26.22 -11.79
CA GLU A 232 -9.89 -25.47 -11.63
C GLU A 232 -10.95 -26.37 -11.01
N ASP A 233 -11.77 -25.87 -10.12
CA ASP A 233 -12.67 -26.72 -9.36
C ASP A 233 -13.51 -27.49 -10.36
N PRO A 234 -13.42 -28.81 -10.31
CA PRO A 234 -14.03 -29.63 -11.34
C PRO A 234 -15.46 -29.99 -11.11
N THR A 235 -16.34 -29.02 -11.06
CA THR A 235 -17.76 -29.23 -11.04
C THR A 235 -18.29 -29.57 -12.43
N LEU A 236 -19.44 -30.18 -12.50
CA LEU A 236 -20.01 -30.50 -13.78
C LEU A 236 -20.24 -29.23 -14.55
N VAL A 237 -20.71 -28.21 -13.85
CA VAL A 237 -20.94 -26.95 -14.48
C VAL A 237 -19.65 -26.37 -15.03
N ASN A 238 -18.58 -26.37 -14.27
CA ASN A 238 -17.36 -25.87 -14.81
C ASN A 238 -16.88 -26.69 -15.99
N MSE A 239 -16.88 -28.00 -15.85
CA MSE A 239 -16.35 -28.88 -16.86
C MSE A 239 -17.11 -28.84 -18.18
O MSE A 239 -16.52 -28.89 -19.22
CB MSE A 239 -16.20 -30.31 -16.33
CG MSE A 239 -15.08 -30.46 -15.37
SE MSE A 239 -14.72 -32.24 -14.89
CE MSE A 239 -16.38 -32.74 -14.21
N LEU A 240 -18.41 -28.69 -18.10
CA LEU A 240 -19.27 -28.70 -19.27
C LEU A 240 -18.96 -27.55 -20.19
N ARG A 241 -18.60 -26.43 -19.62
CA ARG A 241 -18.36 -25.22 -20.35
C ARG A 241 -17.16 -25.34 -21.26
N ILE A 242 -16.24 -26.21 -20.94
CA ILE A 242 -15.07 -26.36 -21.77
C ILE A 242 -14.94 -27.67 -22.50
N GLN A 243 -15.99 -28.44 -22.63
CA GLN A 243 -15.88 -29.66 -23.40
C GLN A 243 -16.13 -29.35 -24.86
N ASP B 7 5.49 7.72 22.54
CA ASP B 7 4.04 7.60 22.49
C ASP B 7 3.41 8.97 22.54
N PHE B 8 2.32 9.11 21.84
CA PHE B 8 1.64 10.36 21.77
C PHE B 8 0.94 10.66 23.07
N PRO B 9 0.57 11.90 23.28
CA PRO B 9 -0.08 12.29 24.51
C PRO B 9 -1.42 11.56 24.66
N HIS B 10 -1.71 11.03 25.84
CA HIS B 10 -2.96 10.40 26.12
C HIS B 10 -3.22 9.27 25.15
N HIS B 11 -2.16 8.62 24.74
CA HIS B 11 -2.22 7.70 23.65
C HIS B 11 -3.20 6.62 23.95
N ASP B 12 -3.40 6.36 25.22
CA ASP B 12 -4.34 5.34 25.63
C ASP B 12 -5.79 5.71 25.25
N ARG B 13 -6.07 6.99 25.13
CA ARG B 13 -7.41 7.44 24.83
C ARG B 13 -7.66 7.78 23.35
N ILE B 14 -6.71 7.48 22.49
CA ILE B 14 -6.84 7.82 21.08
C ILE B 14 -7.45 6.67 20.32
N CYS B 15 -8.46 6.98 19.53
CA CYS B 15 -9.09 6.03 18.64
C CYS B 15 -9.03 6.49 17.20
N ILE B 16 -9.24 5.57 16.28
CA ILE B 16 -9.48 5.95 14.91
C ILE B 16 -10.86 5.47 14.53
N VAL B 17 -11.44 6.11 13.52
CA VAL B 17 -12.76 5.75 13.01
C VAL B 17 -12.67 4.65 12.00
N LYS B 18 -13.42 3.60 12.23
CA LYS B 18 -13.49 2.46 11.35
C LYS B 18 -14.91 2.41 10.81
N THR B 19 -15.06 1.71 9.69
CA THR B 19 -16.37 1.55 9.07
C THR B 19 -16.68 0.10 8.97
N HIS B 20 -17.92 -0.22 9.27
CA HIS B 20 -18.32 -1.58 9.39
C HIS B 20 -19.57 -1.92 8.62
N GLY B 21 -19.52 -3.04 7.91
CA GLY B 21 -20.65 -3.54 7.18
C GLY B 21 -20.60 -5.05 7.07
N LEU B 34 -17.19 -6.73 6.03
CA LEU B 34 -16.39 -5.65 5.45
C LEU B 34 -16.03 -4.62 6.50
N ASP B 35 -14.75 -4.32 6.64
CA ASP B 35 -14.31 -3.25 7.54
C ASP B 35 -13.18 -2.37 6.94
N PHE B 36 -13.20 -1.10 7.24
CA PHE B 36 -12.24 -0.17 6.69
C PHE B 36 -11.76 0.85 7.71
N SER B 37 -10.49 1.23 7.66
CA SER B 37 -9.94 2.21 8.59
C SER B 37 -9.78 3.65 8.08
N GLN B 38 -10.46 4.01 7.01
CA GLN B 38 -10.40 5.33 6.46
C GLN B 38 -11.82 5.79 6.23
N VAL B 39 -12.02 7.09 6.19
CA VAL B 39 -13.32 7.70 6.06
C VAL B 39 -13.36 8.83 5.02
N SER B 40 -14.57 9.27 4.73
CA SER B 40 -14.82 10.43 3.89
C SER B 40 -14.45 11.69 4.66
N GLY B 41 -14.28 12.78 3.95
CA GLY B 41 -13.73 13.98 4.50
C GLY B 41 -14.51 14.61 5.63
N GLY B 42 -15.83 14.57 5.57
CA GLY B 42 -16.70 15.22 6.52
C GLY B 42 -16.82 14.64 7.91
N VAL B 43 -16.39 13.41 8.10
CA VAL B 43 -16.62 12.71 9.34
C VAL B 43 -15.94 13.31 10.56
N ALA B 44 -14.67 13.61 10.47
CA ALA B 44 -13.97 14.05 11.64
C ALA B 44 -14.53 15.33 12.27
N PRO B 45 -14.78 16.35 11.51
CA PRO B 45 -15.26 17.59 12.12
C PRO B 45 -16.62 17.37 12.82
N ALA B 46 -17.48 16.60 12.20
CA ALA B 46 -18.76 16.33 12.77
C ALA B 46 -18.60 15.58 14.05
N ILE B 47 -17.66 14.66 14.10
CA ILE B 47 -17.55 13.90 15.29
C ILE B 47 -17.19 14.80 16.43
N GLN B 48 -16.24 15.70 16.22
CA GLN B 48 -15.89 16.60 17.28
C GLN B 48 -17.07 17.46 17.68
N GLU B 49 -17.79 18.01 16.71
CA GLU B 49 -18.95 18.83 17.03
C GLU B 49 -20.13 18.15 17.69
N GLU B 50 -20.46 16.96 17.32
CA GLU B 50 -21.73 16.45 17.74
C GLU B 50 -21.69 15.33 18.72
N ILE B 51 -20.52 14.82 19.01
CA ILE B 51 -20.47 13.61 19.80
C ILE B 51 -19.93 13.86 21.20
N PRO B 52 -20.72 13.55 22.20
CA PRO B 52 -20.31 13.74 23.58
C PRO B 52 -19.36 12.67 24.04
N GLY B 53 -18.42 13.03 24.87
CA GLY B 53 -17.37 12.11 25.24
C GLY B 53 -16.14 12.27 24.39
N VAL B 54 -16.13 13.22 23.47
CA VAL B 54 -15.01 13.37 22.58
C VAL B 54 -14.24 14.61 22.91
N GLU B 55 -13.02 14.44 23.35
CA GLU B 55 -12.17 15.56 23.63
C GLU B 55 -11.71 16.30 22.38
N LEU B 56 -11.19 15.57 21.42
CA LEU B 56 -10.68 16.20 20.22
C LEU B 56 -10.73 15.25 19.05
N ALA B 57 -10.97 15.79 17.86
CA ALA B 57 -10.88 15.01 16.61
C ALA B 57 -10.20 15.74 15.46
N THR B 58 -9.45 15.01 14.65
CA THR B 58 -8.73 15.60 13.54
C THR B 58 -8.66 14.63 12.36
N ARG B 59 -8.36 15.16 11.20
CA ARG B 59 -8.26 14.34 10.00
C ARG B 59 -6.98 14.58 9.21
N THR B 60 -6.48 13.53 8.60
CA THR B 60 -5.37 13.60 7.67
C THR B 60 -5.60 12.79 6.39
N THR B 61 -4.88 13.11 5.35
CA THR B 61 -4.80 12.26 4.17
C THR B 61 -3.37 12.23 3.61
N LEU B 62 -2.92 11.05 3.27
CA LEU B 62 -1.59 10.88 2.76
C LEU B 62 -1.49 11.28 1.31
N TYR B 63 -0.60 12.19 0.99
CA TYR B 63 -0.27 12.47 -0.40
C TYR B 63 0.56 11.43 -1.11
N GLY B 64 1.64 11.04 -0.48
CA GLY B 64 2.52 10.07 -1.04
C GLY B 64 3.91 10.63 -1.08
N THR B 65 4.74 10.00 -1.86
CA THR B 65 6.12 10.36 -1.88
C THR B 65 6.42 10.97 -3.22
N SER B 66 6.95 12.17 -3.22
CA SER B 66 7.20 12.88 -4.45
C SER B 66 8.45 13.71 -4.38
N LYS B 67 8.90 14.25 -5.49
CA LYS B 67 10.12 15.02 -5.50
C LYS B 67 9.87 16.54 -5.45
N MSE B 68 10.50 17.21 -4.50
CA MSE B 68 10.40 18.64 -4.33
C MSE B 68 11.73 19.31 -4.62
O MSE B 68 12.76 18.79 -4.33
CB MSE B 68 10.00 19.01 -2.92
CG MSE B 68 8.76 18.38 -2.44
SE MSE B 68 7.21 19.09 -3.20
CE MSE B 68 7.27 20.81 -2.60
N ILE B 69 11.69 20.50 -5.19
CA ILE B 69 12.89 21.21 -5.54
C ILE B 69 13.09 22.41 -4.65
N LEU B 70 14.28 22.53 -4.10
CA LEU B 70 14.53 23.58 -3.17
C LEU B 70 15.22 24.77 -3.81
N GLU B 71 14.57 25.92 -3.74
CA GLU B 71 15.14 27.16 -4.24
C GLU B 71 15.75 26.99 -5.59
N ASP B 72 14.99 26.41 -6.48
CA ASP B 72 15.41 26.05 -7.82
C ASP B 72 16.75 25.36 -7.95
N ASN B 73 17.17 24.63 -6.94
CA ASN B 73 18.37 23.84 -7.09
C ASN B 73 18.21 22.33 -6.91
N LYS B 74 18.57 21.82 -5.75
CA LYS B 74 18.54 20.41 -5.50
C LYS B 74 17.14 19.85 -5.29
N THR B 75 16.99 18.58 -5.59
CA THR B 75 15.73 17.88 -5.53
C THR B 75 15.72 16.88 -4.40
N TYR B 76 14.64 16.83 -3.64
CA TYR B 76 14.51 15.95 -2.51
C TYR B 76 13.22 15.10 -2.57
N GLU B 77 13.33 13.81 -2.26
CA GLU B 77 12.17 12.94 -2.20
C GLU B 77 11.53 13.12 -0.85
N THR B 78 10.25 13.43 -0.86
CA THR B 78 9.54 13.84 0.30
C THR B 78 8.24 13.09 0.46
N LYS B 79 8.05 12.45 1.60
CA LYS B 79 6.77 11.90 1.92
C LYS B 79 5.89 13.01 2.51
N THR B 80 4.76 13.23 1.90
CA THR B 80 3.92 14.35 2.21
C THR B 80 2.58 13.91 2.75
N LEU B 81 2.20 14.49 3.86
CA LEU B 81 0.96 14.22 4.54
C LEU B 81 0.16 15.49 4.73
N LEU B 82 -1.12 15.44 4.46
CA LEU B 82 -1.95 16.60 4.61
C LEU B 82 -2.65 16.55 5.94
N ALA B 83 -2.60 17.63 6.67
CA ALA B 83 -3.06 17.67 8.05
C ALA B 83 -3.63 19.01 8.46
N GLU B 84 -4.36 18.98 9.57
CA GLU B 84 -4.85 20.16 10.26
C GLU B 84 -3.93 20.57 11.42
N PRO B 85 -4.10 21.80 11.90
CA PRO B 85 -3.28 22.30 12.99
C PRO B 85 -3.46 21.47 14.23
N ALA B 86 -4.63 20.89 14.41
CA ALA B 86 -4.87 20.06 15.55
C ALA B 86 -4.01 18.81 15.53
N PHE B 87 -3.38 18.55 14.40
CA PHE B 87 -2.49 17.43 14.25
C PHE B 87 -1.37 17.57 15.25
N LEU B 88 -0.86 18.77 15.40
CA LEU B 88 0.21 19.02 16.34
C LEU B 88 -0.18 18.72 17.79
N ASP B 89 -1.36 19.10 18.19
CA ASP B 89 -1.87 18.73 19.47
C ASP B 89 -2.14 17.29 19.65
N MSE B 90 -2.81 16.67 18.72
CA MSE B 90 -3.20 15.32 18.90
C MSE B 90 -1.98 14.44 19.07
O MSE B 90 -2.02 13.48 19.79
CB MSE B 90 -4.04 14.84 17.73
CG MSE B 90 -4.36 13.39 17.78
SE MSE B 90 -5.91 12.98 18.85
CE MSE B 90 -6.97 14.34 18.20
N PHE B 91 -0.93 14.74 18.35
CA PHE B 91 0.22 13.87 18.33
C PHE B 91 1.44 14.43 19.06
N GLY B 92 1.23 15.53 19.76
CA GLY B 92 2.28 16.13 20.56
C GLY B 92 3.54 16.49 19.83
N VAL B 93 3.39 17.21 18.74
CA VAL B 93 4.50 17.47 17.85
C VAL B 93 5.07 18.82 18.14
N GLU B 94 6.32 18.86 18.55
CA GLU B 94 6.99 20.11 18.82
C GLU B 94 7.57 20.74 17.59
N LEU B 95 7.48 22.04 17.48
CA LEU B 95 8.16 22.75 16.43
C LEU B 95 9.56 23.14 16.92
N ILE B 96 10.58 22.65 16.25
CA ILE B 96 11.94 23.09 16.43
C ILE B 96 12.19 24.52 15.97
N ALA B 97 11.57 24.91 14.87
CA ALA B 97 11.70 26.25 14.35
C ALA B 97 10.38 26.70 13.78
N GLY B 98 10.14 28.01 13.83
CA GLY B 98 8.90 28.63 13.44
C GLY B 98 7.81 28.84 14.48
N VAL B 99 6.73 29.48 14.09
CA VAL B 99 5.68 29.85 15.01
C VAL B 99 4.55 28.89 14.98
N ARG B 100 4.29 28.26 16.10
CA ARG B 100 3.31 27.23 16.15
C ARG B 100 1.96 27.75 15.77
N ASP B 101 1.67 28.95 16.19
CA ASP B 101 0.37 29.50 15.92
C ASP B 101 0.13 29.68 14.44
N SER B 102 1.19 29.93 13.71
CA SER B 102 1.09 30.00 12.27
C SER B 102 0.92 28.64 11.53
N ALA B 103 1.28 27.56 12.19
CA ALA B 103 1.48 26.28 11.53
C ALA B 103 0.26 25.74 10.86
N LEU B 104 0.41 25.49 9.58
CA LEU B 104 -0.56 24.79 8.79
C LEU B 104 -1.82 25.63 8.58
N ARG B 105 -1.74 26.91 8.89
CA ARG B 105 -2.80 27.86 8.59
C ARG B 105 -2.95 28.19 7.12
N ASP B 106 -1.85 28.51 6.48
CA ASP B 106 -1.80 29.01 5.14
C ASP B 106 -1.51 27.89 4.16
N ASN B 107 -2.29 27.78 3.10
CA ASN B 107 -2.13 26.75 2.10
C ASN B 107 -0.79 26.85 1.45
N MSE B 108 -0.20 28.01 1.43
CA MSE B 108 1.01 28.20 0.67
C MSE B 108 2.30 27.97 1.46
O MSE B 108 3.35 28.29 1.03
CB MSE B 108 1.02 29.52 -0.05
CG MSE B 108 -0.07 29.65 -1.11
SE MSE B 108 0.14 28.48 -2.56
CE MSE B 108 1.44 29.42 -3.49
N THR B 109 2.16 27.37 2.62
CA THR B 109 3.29 27.08 3.48
C THR B 109 3.25 25.62 3.90
N CYS B 110 4.39 25.07 4.28
CA CYS B 110 4.49 23.71 4.75
C CYS B 110 5.34 23.63 6.01
N LEU B 111 5.30 22.51 6.70
CA LEU B 111 6.23 22.22 7.76
C LEU B 111 7.08 21.05 7.32
N ILE B 112 8.32 21.06 7.69
CA ILE B 112 9.31 20.11 7.25
C ILE B 112 9.89 19.43 8.48
N SER B 113 10.19 18.16 8.40
CA SER B 113 10.75 17.41 9.50
C SER B 113 12.20 17.83 9.76
N GLU B 114 12.71 17.57 10.96
CA GLU B 114 14.08 17.90 11.30
C GLU B 114 15.03 17.18 10.41
N SER B 115 14.75 15.92 10.15
CA SER B 115 15.62 15.14 9.30
C SER B 115 15.69 15.65 7.89
N LEU B 116 14.55 16.01 7.33
CA LEU B 116 14.55 16.58 6.02
C LEU B 116 15.26 17.92 5.98
N ALA B 117 15.06 18.73 6.99
CA ALA B 117 15.69 20.01 7.06
C ALA B 117 17.20 19.84 7.09
N ARG B 118 17.66 18.88 7.85
CA ARG B 118 19.08 18.59 7.94
C ARG B 118 19.65 18.15 6.62
N LYS B 119 18.92 17.31 5.95
CA LYS B 119 19.29 16.80 4.66
C LYS B 119 19.39 17.95 3.70
N MSE B 120 18.59 18.96 3.95
CA MSE B 120 18.46 20.09 3.07
C MSE B 120 19.52 21.14 3.39
O MSE B 120 19.58 22.15 2.79
CB MSE B 120 17.06 20.69 3.14
CG MSE B 120 16.02 20.03 2.29
SE MSE B 120 14.28 20.83 2.48
CE MSE B 120 13.39 19.88 1.19
N GLY B 121 20.39 20.84 4.32
CA GLY B 121 21.48 21.72 4.62
C GLY B 121 21.23 22.66 5.75
N GLY B 122 20.02 22.67 6.27
CA GLY B 122 19.70 23.40 7.47
C GLY B 122 19.35 24.85 7.23
N ASP B 123 18.87 25.52 8.26
CA ASP B 123 18.46 26.90 8.15
C ASP B 123 17.46 27.07 7.04
N VAL B 124 16.43 26.26 7.03
CA VAL B 124 15.53 26.23 5.91
C VAL B 124 14.33 27.12 6.07
N LEU B 125 14.18 27.75 7.21
CA LEU B 125 13.01 28.55 7.47
C LEU B 125 12.96 29.67 6.47
N GLY B 126 11.82 29.81 5.82
CA GLY B 126 11.56 30.81 4.82
C GLY B 126 11.92 30.49 3.39
N LYS B 127 12.60 29.39 3.17
CA LYS B 127 12.96 28.96 1.84
C LYS B 127 11.77 28.43 1.06
N ARG B 128 11.90 28.36 -0.25
CA ARG B 128 10.82 27.99 -1.12
C ARG B 128 11.03 26.68 -1.86
N LEU B 129 9.96 25.90 -1.95
CA LEU B 129 9.96 24.59 -2.58
C LEU B 129 8.93 24.51 -3.70
N ARG B 130 9.27 23.82 -4.77
CA ARG B 130 8.35 23.56 -5.88
C ARG B 130 8.37 22.09 -6.30
N PRO B 131 7.20 21.59 -6.67
CA PRO B 131 7.09 20.23 -7.12
C PRO B 131 7.94 20.10 -8.34
N ALA B 132 8.69 19.03 -8.43
CA ALA B 132 9.69 18.94 -9.45
C ALA B 132 9.08 19.00 -10.79
N GLU B 133 7.98 18.30 -10.96
CA GLU B 133 7.46 18.08 -12.27
C GLU B 133 6.58 19.23 -12.70
N SER B 134 6.66 20.34 -11.99
CA SER B 134 5.78 21.44 -12.24
C SER B 134 6.44 22.53 -13.04
N LYS B 135 5.72 23.05 -14.01
CA LYS B 135 6.29 24.04 -14.91
C LYS B 135 6.00 25.45 -14.48
N SER B 136 5.15 25.61 -13.49
CA SER B 136 4.91 26.89 -12.89
C SER B 136 6.05 27.28 -11.96
N ASP B 137 6.12 28.55 -11.65
CA ASP B 137 7.08 29.03 -10.68
C ASP B 137 6.49 29.36 -9.30
N ARG B 138 5.21 29.07 -9.10
CA ARG B 138 4.58 29.25 -7.81
C ARG B 138 5.26 28.32 -6.82
N ALA B 139 5.31 28.73 -5.56
CA ALA B 139 6.08 27.99 -4.59
C ALA B 139 5.47 27.92 -3.24
N ILE B 140 5.88 26.91 -2.50
CA ILE B 140 5.45 26.71 -1.17
C ILE B 140 6.60 27.16 -0.32
N THR B 141 6.30 27.82 0.78
CA THR B 141 7.32 28.32 1.67
C THR B 141 7.39 27.53 2.95
N ILE B 142 8.58 27.26 3.43
CA ILE B 142 8.72 26.50 4.63
C ILE B 142 8.50 27.36 5.86
N GLY B 143 7.42 27.13 6.53
CA GLY B 143 7.09 27.90 7.68
C GLY B 143 7.52 27.38 9.02
N GLY B 144 7.97 26.12 9.06
CA GLY B 144 8.38 25.53 10.29
C GLY B 144 9.10 24.22 10.13
N VAL B 145 9.81 23.80 11.17
CA VAL B 145 10.44 22.51 11.22
C VAL B 145 9.96 21.77 12.42
N PHE B 146 9.51 20.55 12.21
CA PHE B 146 8.93 19.77 13.26
C PHE B 146 9.81 18.62 13.61
N GLU B 147 9.76 18.27 14.88
CA GLU B 147 10.51 17.18 15.41
C GLU B 147 10.02 15.87 14.79
N ASP B 148 10.94 15.00 14.40
CA ASP B 148 10.62 13.83 13.64
C ASP B 148 9.60 13.04 14.39
N LEU B 149 8.65 12.48 13.67
CA LEU B 149 7.64 11.65 14.26
C LEU B 149 8.24 10.33 14.68
N PRO B 150 7.57 9.64 15.57
CA PRO B 150 8.11 8.39 16.08
C PRO B 150 8.28 7.37 14.99
N HIS B 151 9.37 6.67 15.09
CA HIS B 151 9.79 5.79 14.07
C HIS B 151 8.88 4.61 13.82
N ASN B 152 8.36 4.05 14.88
CA ASN B 152 7.58 2.84 14.81
C ASN B 152 6.16 3.06 14.36
N SER B 153 5.74 4.30 14.24
CA SER B 153 4.38 4.63 13.95
C SER B 153 3.88 4.41 12.52
N SER B 154 2.58 4.22 12.43
CA SER B 154 1.85 4.25 11.19
C SER B 154 1.79 5.66 10.62
N ILE B 155 2.01 6.65 11.45
CA ILE B 155 1.98 8.02 11.01
C ILE B 155 3.37 8.53 10.62
N GLN B 156 3.60 8.70 9.34
CA GLN B 156 4.87 9.16 8.83
C GLN B 156 4.76 10.34 7.84
N ALA B 157 5.63 11.33 7.99
CA ALA B 157 5.74 12.45 7.08
C ALA B 157 7.07 13.13 7.16
N ASP B 158 7.69 13.38 6.03
CA ASP B 158 8.69 14.39 5.82
C ASP B 158 8.23 15.86 5.74
N MSE B 159 7.05 16.07 5.19
CA MSE B 159 6.50 17.37 5.00
C MSE B 159 5.02 17.34 5.29
O MSE B 159 4.35 16.43 4.93
CB MSE B 159 6.74 17.84 3.58
CG MSE B 159 6.05 19.12 3.16
SE MSE B 159 6.57 19.75 1.39
CE MSE B 159 5.31 18.83 0.44
N LEU B 160 4.54 18.37 5.95
CA LEU B 160 3.16 18.50 6.28
C LEU B 160 2.57 19.69 5.55
N LEU B 161 1.43 19.47 4.92
CA LEU B 161 0.72 20.49 4.20
C LEU B 161 -0.67 20.57 4.73
N PRO B 162 -1.26 21.73 4.63
CA PRO B 162 -2.61 21.93 5.12
C PRO B 162 -3.64 21.10 4.36
N ILE B 163 -4.53 20.52 5.10
CA ILE B 163 -5.50 19.64 4.52
C ILE B 163 -6.43 20.41 3.60
N THR B 164 -6.36 21.73 3.69
CA THR B 164 -7.21 22.61 2.91
C THR B 164 -6.75 22.70 1.48
N TRP B 165 -5.69 22.00 1.17
CA TRP B 165 -5.29 21.78 -0.20
C TRP B 165 -6.36 21.01 -0.92
N MSE B 166 -7.05 20.13 -0.23
CA MSE B 166 -8.10 19.32 -0.81
C MSE B 166 -9.30 20.19 -1.13
O MSE B 166 -9.61 21.06 -0.40
CB MSE B 166 -8.53 18.23 0.14
CG MSE B 166 -7.60 17.09 0.36
SE MSE B 166 -7.44 15.86 -1.08
CE MSE B 166 -5.87 16.54 -1.72
N PRO B 167 -9.98 19.92 -2.23
CA PRO B 167 -11.16 20.71 -2.57
C PRO B 167 -12.31 20.47 -1.61
N ALA B 168 -13.22 21.42 -1.56
CA ALA B 168 -14.33 21.36 -0.66
C ALA B 168 -15.16 20.14 -0.92
N GLU B 169 -15.22 19.75 -2.17
CA GLU B 169 -15.99 18.60 -2.56
C GLU B 169 -15.48 17.33 -1.92
N SER B 170 -14.18 17.21 -1.76
CA SER B 170 -13.58 16.17 -0.97
C SER B 170 -13.75 16.28 0.54
N LEU B 171 -13.46 17.46 1.05
CA LEU B 171 -13.45 17.72 2.48
C LEU B 171 -14.78 17.59 3.17
N ASN B 172 -15.83 18.03 2.51
CA ASN B 172 -17.15 18.04 3.09
C ASN B 172 -17.96 16.80 2.80
N ASN B 173 -17.38 15.94 2.02
CA ASN B 173 -18.05 14.79 1.51
C ASN B 173 -18.36 13.74 2.55
N TRP B 174 -19.49 13.09 2.40
CA TRP B 174 -19.83 11.95 3.20
C TRP B 174 -19.87 10.63 2.43
N ILE B 175 -19.97 10.65 1.12
CA ILE B 175 -20.05 9.41 0.36
C ILE B 175 -18.80 9.10 -0.45
N GLY B 176 -18.10 8.05 -0.11
CA GLY B 176 -16.98 7.61 -0.87
C GLY B 176 -15.81 8.56 -0.73
N ASN B 177 -14.81 8.39 -1.59
CA ASN B 177 -13.60 9.18 -1.54
C ASN B 177 -13.06 9.10 -0.12
N ASP B 178 -13.04 7.93 0.46
CA ASP B 178 -12.59 7.79 1.82
C ASP B 178 -11.10 7.70 1.90
N ARG B 179 -10.46 8.81 1.69
CA ARG B 179 -9.03 8.86 1.69
C ARG B 179 -8.49 9.43 3.00
N TYR B 180 -9.36 9.67 3.96
CA TYR B 180 -9.01 10.33 5.20
C TYR B 180 -8.89 9.37 6.37
N ILE B 181 -7.96 9.65 7.26
CA ILE B 181 -7.88 8.96 8.53
C ILE B 181 -8.40 9.88 9.61
N ALA B 182 -9.38 9.44 10.36
CA ALA B 182 -9.97 10.30 11.35
C ALA B 182 -9.56 9.84 12.73
N TYR B 183 -8.92 10.72 13.46
CA TYR B 183 -8.41 10.41 14.78
C TYR B 183 -9.28 11.09 15.82
N VAL B 184 -9.65 10.33 16.83
CA VAL B 184 -10.44 10.85 17.92
C VAL B 184 -9.86 10.55 19.31
N ARG B 185 -9.75 11.59 20.12
CA ARG B 185 -9.35 11.38 21.51
C ARG B 185 -10.55 11.49 22.43
N LEU B 186 -10.85 10.39 23.10
CA LEU B 186 -11.96 10.34 24.03
C LEU B 186 -11.62 10.91 25.36
N ARG B 187 -12.64 11.38 26.05
CA ARG B 187 -12.52 11.77 27.43
C ARG B 187 -12.34 10.53 28.29
N PRO B 188 -11.77 10.72 29.46
CA PRO B 188 -11.50 9.60 30.34
C PRO B 188 -12.80 8.96 30.78
N GLY B 189 -12.83 7.66 30.84
CA GLY B 189 -14.01 6.93 31.21
C GLY B 189 -15.05 6.71 30.13
N VAL B 190 -14.81 7.17 28.92
CA VAL B 190 -15.75 6.90 27.83
C VAL B 190 -15.24 5.77 27.02
N SER B 191 -16.03 4.72 26.90
CA SER B 191 -15.64 3.63 26.02
C SER B 191 -15.99 3.90 24.56
N PRO B 192 -15.24 3.33 23.65
CA PRO B 192 -15.52 3.49 22.23
C PRO B 192 -16.87 2.92 21.93
N GLU B 193 -17.15 1.79 22.53
CA GLU B 193 -18.34 1.04 22.26
C GLU B 193 -19.51 1.91 22.61
N SER B 194 -19.35 2.73 23.62
CA SER B 194 -20.43 3.52 24.12
C SER B 194 -20.92 4.51 23.11
N LEU B 195 -20.14 4.75 22.09
CA LEU B 195 -20.50 5.81 21.18
C LEU B 195 -21.18 5.35 19.92
N ASP B 196 -21.34 4.05 19.77
CA ASP B 196 -21.80 3.51 18.53
C ASP B 196 -23.13 4.14 18.24
N GLU B 197 -23.98 4.25 19.23
CA GLU B 197 -25.29 4.81 18.97
C GLU B 197 -25.28 6.26 18.52
N ALA B 198 -24.54 7.11 19.17
CA ALA B 198 -24.50 8.49 18.76
C ALA B 198 -23.90 8.64 17.37
N LEU B 199 -23.00 7.75 17.00
CA LEU B 199 -22.39 7.83 15.69
C LEU B 199 -23.43 7.56 14.63
N LEU B 200 -24.25 6.56 14.87
CA LEU B 200 -25.29 6.19 13.95
C LEU B 200 -26.25 7.32 13.76
N GLU B 201 -26.59 8.00 14.82
CA GLU B 201 -27.42 9.16 14.68
C GLU B 201 -26.74 10.22 13.86
N MSE B 202 -25.44 10.32 14.03
CA MSE B 202 -24.71 11.30 13.28
C MSE B 202 -24.76 11.00 11.81
O MSE B 202 -24.98 11.85 11.02
CB MSE B 202 -23.28 11.34 13.76
CG MSE B 202 -22.46 12.35 13.09
SE MSE B 202 -20.60 12.06 13.44
CE MSE B 202 -20.21 13.84 13.30
N GLN B 203 -24.58 9.75 11.48
CA GLN B 203 -24.55 9.31 10.10
C GLN B 203 -25.86 9.59 9.41
N LYS B 204 -26.98 9.30 10.07
CA LYS B 204 -28.30 9.47 9.49
C LYS B 204 -28.55 10.90 9.11
N ARG B 205 -28.10 11.80 9.94
CA ARG B 205 -28.21 13.22 9.68
C ARG B 205 -27.40 13.72 8.49
N HIS B 206 -26.27 13.09 8.25
CA HIS B 206 -25.36 13.58 7.24
C HIS B 206 -25.39 12.85 5.92
N GLN B 207 -25.64 11.56 5.93
CA GLN B 207 -25.74 10.87 4.69
C GLN B 207 -27.08 10.19 4.57
N ASP B 208 -27.75 10.40 3.47
CA ASP B 208 -28.96 9.64 3.21
C ASP B 208 -28.57 8.19 3.03
N MSE B 209 -29.13 7.33 3.86
CA MSE B 209 -28.75 5.94 3.90
C MSE B 209 -29.22 5.04 2.75
O MSE B 209 -28.99 3.85 2.77
CB MSE B 209 -29.23 5.33 5.22
CG MSE B 209 -29.22 6.28 6.38
SE MSE B 209 -27.43 6.67 6.97
CE MSE B 209 -26.73 4.93 7.18
N GLU B 210 -29.87 5.63 1.77
CA GLU B 210 -30.49 4.85 0.70
C GLU B 210 -29.62 4.74 -0.54
N VAL B 217 -25.22 -3.04 0.58
CA VAL B 217 -24.42 -3.19 1.78
C VAL B 217 -24.63 -2.08 2.76
N GLU B 218 -24.58 -2.46 4.04
CA GLU B 218 -24.88 -1.54 5.10
C GLU B 218 -23.60 -1.10 5.76
N LEU B 219 -23.40 0.20 5.90
CA LEU B 219 -22.19 0.70 6.53
C LEU B 219 -22.41 1.59 7.73
N HIS B 220 -21.65 1.35 8.79
CA HIS B 220 -21.72 2.16 10.00
C HIS B 220 -20.38 2.48 10.65
N TYR B 221 -20.27 3.63 11.25
CA TYR B 221 -19.08 4.07 11.95
C TYR B 221 -18.92 3.50 13.35
N SER B 222 -17.69 3.24 13.74
CA SER B 222 -17.34 2.84 15.07
C SER B 222 -15.90 3.28 15.42
N LEU B 223 -15.58 3.32 16.70
CA LEU B 223 -14.27 3.76 17.13
C LEU B 223 -13.52 2.58 17.66
N THR B 224 -12.25 2.46 17.32
CA THR B 224 -11.39 1.41 17.84
C THR B 224 -10.12 2.05 18.28
N PRO B 225 -9.50 1.52 19.31
CA PRO B 225 -8.34 2.16 19.90
C PRO B 225 -7.21 2.18 18.91
N PHE B 226 -6.51 3.29 18.80
CA PHE B 226 -5.44 3.44 17.85
C PHE B 226 -4.21 2.64 18.25
N ASN B 227 -3.78 1.79 17.35
CA ASN B 227 -2.54 1.09 17.55
C ASN B 227 -1.46 1.44 16.54
N ARG B 228 -0.60 2.37 16.93
CA ARG B 228 0.41 2.97 16.06
C ARG B 228 1.23 1.91 15.39
N LEU B 229 1.23 0.71 15.93
CA LEU B 229 1.81 -0.41 15.23
C LEU B 229 0.80 -1.12 14.36
N ASP B 233 -3.38 -2.89 5.52
CA ASP B 233 -3.70 -3.70 4.36
C ASP B 233 -4.33 -2.89 3.25
N PRO B 234 -3.53 -2.52 2.28
CA PRO B 234 -3.92 -1.52 1.31
C PRO B 234 -4.94 -1.98 0.34
N THR B 235 -5.99 -1.20 0.15
CA THR B 235 -6.88 -1.40 -0.94
C THR B 235 -6.32 -0.81 -2.23
N LEU B 236 -6.90 -1.22 -3.33
CA LEU B 236 -6.47 -0.79 -4.62
C LEU B 236 -6.70 0.69 -4.81
N VAL B 237 -7.82 1.20 -4.35
CA VAL B 237 -8.05 2.64 -4.37
C VAL B 237 -7.05 3.36 -3.49
N ASN B 238 -6.71 2.82 -2.35
CA ASN B 238 -5.75 3.50 -1.51
C ASN B 238 -4.43 3.62 -2.18
N MSE B 239 -3.94 2.54 -2.76
CA MSE B 239 -2.69 2.57 -3.47
C MSE B 239 -2.68 3.47 -4.67
O MSE B 239 -1.73 4.15 -4.92
CB MSE B 239 -2.26 1.19 -3.88
CG MSE B 239 -2.14 0.25 -2.76
SE MSE B 239 -1.30 -1.38 -3.25
CE MSE B 239 -2.78 -2.51 -3.49
N LEU B 240 -3.76 3.45 -5.41
CA LEU B 240 -3.86 4.23 -6.62
C LEU B 240 -3.75 5.71 -6.32
N ARG B 241 -4.32 6.15 -5.22
CA ARG B 241 -4.32 7.54 -4.85
C ARG B 241 -2.95 8.13 -4.65
N ILE B 242 -2.00 7.35 -4.16
CA ILE B 242 -0.73 7.92 -3.81
C ILE B 242 0.37 7.60 -4.80
N GLN B 243 0.01 6.94 -5.88
CA GLN B 243 0.97 6.58 -6.88
C GLN B 243 1.44 7.79 -7.63
N GLN B 244 2.70 7.80 -7.95
CA GLN B 244 3.24 8.79 -8.81
C GLN B 244 3.78 8.15 -10.10
C TRS C . -9.62 -13.70 -5.02
C1 TRS C . -8.22 -14.09 -4.53
C2 TRS C . -10.54 -12.65 -4.32
C3 TRS C . -10.52 -14.92 -5.01
N TRS C . -9.46 -13.36 -6.45
O1 TRS C . -7.97 -13.96 -3.11
O2 TRS C . -10.06 -11.48 -3.66
O3 TRS C . -11.88 -14.44 -5.07
S SO4 D . -11.24 8.01 -4.47
O1 SO4 D . -12.49 8.69 -4.68
O2 SO4 D . -11.47 6.82 -3.65
O3 SO4 D . -10.62 7.58 -5.74
O4 SO4 D . -10.29 8.85 -3.76
#